data_7UYL
#
_entry.id   7UYL
#
_cell.length_a   137.180
_cell.length_b   137.180
_cell.length_c   63.770
_cell.angle_alpha   90.00
_cell.angle_beta   90.00
_cell.angle_gamma   90.00
#
_symmetry.space_group_name_H-M   'I 41'
#
loop_
_entity.id
_entity.type
_entity.pdbx_description
1 polymer '850 Fab Heavy Chain'
2 polymer '850 Fab Light Chain'
3 polymer 'VHH nanobody'
4 non-polymer GLYCEROL
5 water water
#
loop_
_entity_poly.entity_id
_entity_poly.type
_entity_poly.pdbx_seq_one_letter_code
_entity_poly.pdbx_strand_id
1 'polypeptide(L)'
;QVQLVESGGGVVQPGRSLRLSCAASGFTFSNFGMHWIRQSPGKGLEWVAIIWYDGSNTYYADSVKGRFTISRDNSKNTLY
LQMNSLRAEDTAVYYCAKVWFGESEDNYSVDVWGQGTTVTVSSASTKGPSVFPLAPSSKSTSGGTAALGCLVKDYFPEPV
TVSWNSGALTSGVHTFPAVLQSSGLYSLSSVVTVPSSSLGTQTYICNVNHKPSNTKVDKKVEPKSC
;
H
2 'polypeptide(L)'
;DIQMTQSPSTLSTSVGDRVTITCRASQSISNWLAWYQQKPGKAPKLLIYKASTLESGVPSRFSGSGSGTEFTLTISSLQP
DDFATYYCQQYSSYWTFGQGTKLEIKRTVAAPSVFIFPPSDEQLKSGTASVVCLLNNFYPREAKVQWKVDNALQSGNSQE
SVTEQDSKDSTYSLSSTLTLSKADYEKHKVYACEVTHQGLSSPVTKSFNRGEC
;
L
3 'polypeptide(L)'
;(UNK)VQL(UNK)(UNK)SGGG(UNK)VQ(UNK)G(UNK)SL(UNK)LSC(UNK)A(UNK)(UNK)(UNK)(UNK)
(UNK)(UNK)(UNK)(UNK)(UNK)(UNK)(UNK)W(UNK)RQ(UNK)PG(UNK)(UNK)RE(UNK)V(UNK)(UNK)
(UNK)(UNK)(UNK)(UNK)(UNK)(UNK)(UNK)(UNK)(UNK)(UNK)(UNK)DS(UNK)(UNK)GRFT(UNK)S
(UNK)D(UNK)(UNK)(UNK)(UNK)(UNK)(UNK)(UNK)LQ(UNK)(UNK)(UNK)L(UNK)(UNK)(UNK)D(UNK)
A(UNK)YYC(UNK)(UNK)(UNK)(UNK)(UNK)(UNK)(UNK)(UNK)(UNK)(UNK)(UNK)(UNK)(UNK)(UNK)W
G(UNK)GT(UNK)VTVSS
;
K
#
loop_
_chem_comp.id
_chem_comp.type
_chem_comp.name
_chem_comp.formula
GOL non-polymer GLYCEROL 'C3 H8 O3'
#
# COMPACT_ATOMS: atom_id res chain seq x y z
N GLN A 1 -5.03 8.53 -31.51
CA GLN A 1 -5.91 7.38 -31.43
C GLN A 1 -7.20 7.72 -30.69
N VAL A 2 -7.86 6.68 -30.13
CA VAL A 2 -9.08 6.89 -29.37
C VAL A 2 -8.76 7.70 -28.12
N GLN A 3 -9.55 8.74 -27.90
CA GLN A 3 -9.43 9.56 -26.69
C GLN A 3 -10.81 9.78 -26.09
N LEU A 4 -10.90 9.63 -24.78
CA LEU A 4 -12.10 9.86 -24.00
C LEU A 4 -11.72 10.79 -22.85
N VAL A 5 -12.45 11.88 -22.70
CA VAL A 5 -12.14 12.89 -21.68
C VAL A 5 -13.39 13.14 -20.85
N GLU A 6 -13.37 12.73 -19.59
CA GLU A 6 -14.49 12.94 -18.68
C GLU A 6 -14.42 14.34 -18.06
N SER A 7 -15.60 14.86 -17.70
CA SER A 7 -15.69 16.10 -16.95
C SER A 7 -17.01 16.11 -16.18
N GLY A 8 -17.11 17.04 -15.23
CA GLY A 8 -18.29 17.21 -14.44
C GLY A 8 -18.20 16.73 -13.00
N GLY A 9 -17.08 16.13 -12.61
CA GLY A 9 -16.93 15.67 -11.25
C GLY A 9 -16.78 16.83 -10.26
N GLY A 10 -17.11 16.55 -9.01
CA GLY A 10 -16.93 17.52 -7.96
C GLY A 10 -17.50 17.02 -6.65
N VAL A 11 -17.60 17.94 -5.70
CA VAL A 11 -18.13 17.64 -4.37
C VAL A 11 -19.63 17.93 -4.37
N VAL A 12 -20.41 16.96 -3.89
CA VAL A 12 -21.86 17.08 -3.87
C VAL A 12 -22.37 16.57 -2.52
N GLN A 13 -23.42 17.21 -2.01
CA GLN A 13 -24.06 16.77 -0.78
C GLN A 13 -24.93 15.54 -1.05
N PRO A 14 -25.10 14.67 -0.06
CA PRO A 14 -26.04 13.56 -0.21
C PRO A 14 -27.43 14.03 -0.59
N GLY A 15 -28.04 13.34 -1.55
CA GLY A 15 -29.37 13.65 -2.01
C GLY A 15 -29.44 14.59 -3.20
N ARG A 16 -28.34 15.27 -3.52
CA ARG A 16 -28.30 16.18 -4.66
C ARG A 16 -27.92 15.41 -5.92
N SER A 17 -27.76 16.14 -7.01
CA SER A 17 -27.52 15.55 -8.33
C SER A 17 -26.26 16.11 -8.95
N LEU A 18 -25.73 15.38 -9.93
CA LEU A 18 -24.53 15.77 -10.65
C LEU A 18 -24.59 15.14 -12.03
N ARG A 19 -24.16 15.87 -13.06
CA ARG A 19 -24.15 15.36 -14.42
C ARG A 19 -22.72 15.30 -14.93
N LEU A 20 -22.26 14.10 -15.26
CA LEU A 20 -20.97 13.89 -15.89
C LEU A 20 -21.11 13.82 -17.39
N SER A 21 -20.06 14.25 -18.09
CA SER A 21 -19.99 14.14 -19.53
C SER A 21 -18.65 13.54 -19.92
N CYS A 22 -18.58 13.04 -21.15
CA CYS A 22 -17.41 12.34 -21.67
C CYS A 22 -17.30 12.69 -23.15
N ALA A 23 -16.27 13.46 -23.50
CA ALA A 23 -16.01 13.87 -24.87
C ALA A 23 -15.13 12.83 -25.56
N ALA A 24 -15.58 12.37 -26.71
CA ALA A 24 -14.93 11.27 -27.42
C ALA A 24 -14.34 11.75 -28.74
N SER A 25 -13.18 11.22 -29.10
CA SER A 25 -12.53 11.58 -30.36
C SER A 25 -11.64 10.43 -30.81
N GLY A 26 -11.28 10.45 -32.09
CA GLY A 26 -10.40 9.45 -32.65
C GLY A 26 -11.08 8.22 -33.20
N PHE A 27 -12.41 8.13 -33.08
CA PHE A 27 -13.14 6.98 -33.60
C PHE A 27 -14.56 7.45 -33.92
N THR A 28 -15.26 6.64 -34.73
CA THR A 28 -16.66 6.94 -35.05
C THR A 28 -17.50 6.65 -33.82
N PHE A 29 -17.78 7.69 -33.04
CA PHE A 29 -18.50 7.55 -31.77
C PHE A 29 -19.85 6.88 -31.97
N SER A 30 -20.59 7.27 -33.00
CA SER A 30 -21.94 6.75 -33.19
C SER A 30 -21.97 5.27 -33.60
N ASN A 31 -20.82 4.62 -33.75
CA ASN A 31 -20.79 3.20 -34.10
C ASN A 31 -20.59 2.28 -32.91
N PHE A 32 -20.32 2.81 -31.72
CA PHE A 32 -19.92 1.97 -30.59
C PHE A 32 -20.81 2.22 -29.38
N GLY A 33 -21.11 1.14 -28.66
CA GLY A 33 -21.65 1.27 -27.32
C GLY A 33 -20.63 1.87 -26.37
N MET A 34 -21.13 2.34 -25.22
CA MET A 34 -20.26 2.99 -24.25
C MET A 34 -20.65 2.55 -22.85
N HIS A 35 -19.65 2.54 -21.96
CA HIS A 35 -19.77 2.17 -20.56
C HIS A 35 -19.45 3.37 -19.68
N TRP A 36 -20.12 3.42 -18.52
CA TRP A 36 -19.61 4.11 -17.34
C TRP A 36 -19.21 3.06 -16.31
N ILE A 37 -17.99 3.20 -15.76
CA ILE A 37 -17.41 2.30 -14.78
C ILE A 37 -16.80 3.14 -13.67
N ARG A 38 -16.95 2.73 -12.42
CA ARG A 38 -16.41 3.54 -11.33
C ARG A 38 -15.43 2.72 -10.48
N GLN A 39 -14.58 3.44 -9.77
CA GLN A 39 -13.56 2.84 -8.91
C GLN A 39 -13.51 3.60 -7.60
N SER A 40 -13.75 2.89 -6.50
CA SER A 40 -13.59 3.42 -5.17
C SER A 40 -12.73 2.46 -4.36
N PRO A 41 -12.00 2.97 -3.36
CA PRO A 41 -11.15 2.09 -2.56
C PRO A 41 -11.93 1.00 -1.83
N GLY A 42 -13.22 1.18 -1.58
CA GLY A 42 -14.00 0.23 -0.81
C GLY A 42 -14.70 -0.82 -1.63
N LYS A 43 -14.93 -0.55 -2.93
CA LYS A 43 -15.67 -1.48 -3.78
C LYS A 43 -14.93 -1.85 -5.05
N GLY A 44 -13.68 -1.44 -5.21
CA GLY A 44 -12.88 -1.77 -6.38
C GLY A 44 -13.48 -1.22 -7.66
N LEU A 45 -13.18 -1.91 -8.77
CA LEU A 45 -13.74 -1.55 -10.06
C LEU A 45 -15.17 -2.07 -10.18
N GLU A 46 -16.08 -1.21 -10.65
CA GLU A 46 -17.50 -1.54 -10.60
C GLU A 46 -18.18 -0.97 -11.84
N TRP A 47 -18.68 -1.85 -12.70
CA TRP A 47 -19.45 -1.41 -13.86
C TRP A 47 -20.71 -0.70 -13.41
N VAL A 48 -21.02 0.43 -14.04
CA VAL A 48 -22.14 1.26 -13.67
C VAL A 48 -23.27 1.17 -14.70
N ALA A 49 -22.95 1.40 -15.97
CA ALA A 49 -24.03 1.42 -16.96
C ALA A 49 -23.46 1.24 -18.37
N ILE A 50 -24.32 0.78 -19.26
CA ILE A 50 -24.00 0.68 -20.68
C ILE A 50 -25.10 1.33 -21.50
N ILE A 51 -24.73 1.95 -22.61
CA ILE A 51 -25.66 2.44 -23.61
C ILE A 51 -25.24 1.95 -25.00
N TRP A 52 -26.23 1.61 -25.81
CA TRP A 52 -26.04 1.15 -27.18
C TRP A 52 -25.56 2.29 -28.08
N TYR A 53 -25.01 1.91 -29.24
CA TYR A 53 -24.48 2.88 -30.19
C TYR A 53 -25.53 3.89 -30.62
N ASP A 54 -26.78 3.44 -30.78
CA ASP A 54 -27.88 4.31 -31.20
C ASP A 54 -28.68 4.83 -30.02
N GLY A 55 -28.21 4.63 -28.79
CA GLY A 55 -28.93 5.07 -27.62
C GLY A 55 -30.15 4.25 -27.27
N SER A 56 -30.39 3.15 -27.99
CA SER A 56 -31.61 2.37 -27.81
C SER A 56 -31.65 1.69 -26.43
N ASN A 57 -30.88 0.63 -26.27
CA ASN A 57 -30.88 -0.12 -25.02
C ASN A 57 -29.91 0.50 -24.03
N THR A 58 -30.32 0.52 -22.76
CA THR A 58 -29.50 0.97 -21.65
C THR A 58 -29.62 -0.04 -20.53
N TYR A 59 -28.51 -0.32 -19.86
CA TYR A 59 -28.54 -1.22 -18.71
C TYR A 59 -27.72 -0.63 -17.57
N TYR A 60 -28.12 -0.97 -16.34
CA TYR A 60 -27.57 -0.35 -15.14
C TYR A 60 -27.26 -1.39 -14.07
N ALA A 61 -26.22 -1.11 -13.28
CA ALA A 61 -25.96 -1.89 -12.08
C ALA A 61 -27.10 -1.72 -11.08
N ASP A 62 -27.39 -2.80 -10.36
CA ASP A 62 -28.46 -2.76 -9.36
C ASP A 62 -28.30 -1.59 -8.38
N SER A 63 -27.06 -1.24 -8.03
CA SER A 63 -26.82 -0.24 -7.00
C SER A 63 -27.09 1.18 -7.46
N VAL A 64 -27.35 1.42 -8.75
CA VAL A 64 -27.65 2.75 -9.26
C VAL A 64 -29.00 2.83 -9.94
N LYS A 65 -29.74 1.72 -10.03
CA LYS A 65 -31.01 1.72 -10.74
C LYS A 65 -31.99 2.70 -10.10
N GLY A 66 -32.73 3.41 -10.94
CA GLY A 66 -33.68 4.40 -10.49
C GLY A 66 -33.09 5.74 -10.13
N ARG A 67 -31.76 5.85 -10.05
CA ARG A 67 -31.10 7.10 -9.71
C ARG A 67 -30.20 7.63 -10.81
N PHE A 68 -29.54 6.76 -11.58
CA PHE A 68 -28.64 7.17 -12.64
C PHE A 68 -29.29 6.97 -14.00
N THR A 69 -28.95 7.84 -14.94
CA THR A 69 -29.41 7.73 -16.32
C THR A 69 -28.22 7.98 -17.25
N ILE A 70 -27.92 7.01 -18.10
CA ILE A 70 -26.88 7.15 -19.12
C ILE A 70 -27.53 7.58 -20.42
N SER A 71 -26.90 8.52 -21.12
CA SER A 71 -27.43 9.02 -22.39
C SER A 71 -26.28 9.41 -23.31
N ARG A 72 -26.60 9.80 -24.54
CA ARG A 72 -25.55 10.17 -25.47
C ARG A 72 -26.09 11.11 -26.54
N ASP A 73 -25.21 11.99 -27.02
CA ASP A 73 -25.45 12.87 -28.16
C ASP A 73 -24.43 12.51 -29.23
N ASN A 74 -24.88 11.81 -30.27
CA ASN A 74 -23.99 11.37 -31.33
C ASN A 74 -23.56 12.52 -32.24
N SER A 75 -24.39 13.56 -32.37
CA SER A 75 -23.97 14.71 -33.17
C SER A 75 -22.90 15.53 -32.46
N LYS A 76 -22.76 15.39 -31.14
CA LYS A 76 -21.73 16.08 -30.38
C LYS A 76 -20.63 15.15 -29.90
N ASN A 77 -20.68 13.86 -30.25
CA ASN A 77 -19.71 12.87 -29.81
C ASN A 77 -19.57 12.86 -28.28
N THR A 78 -20.69 12.96 -27.57
CA THR A 78 -20.64 13.11 -26.12
C THR A 78 -21.49 12.04 -25.44
N LEU A 79 -20.96 11.49 -24.36
CA LEU A 79 -21.65 10.55 -23.49
C LEU A 79 -21.97 11.22 -22.16
N TYR A 80 -23.13 10.91 -21.57
CA TYR A 80 -23.60 11.58 -20.36
C TYR A 80 -24.01 10.58 -19.30
N LEU A 81 -23.78 10.95 -18.03
CA LEU A 81 -24.32 10.24 -16.88
C LEU A 81 -24.96 11.23 -15.93
N GLN A 82 -26.29 11.18 -15.81
CA GLN A 82 -27.03 11.97 -14.83
C GLN A 82 -27.14 11.14 -13.55
N MET A 83 -26.66 11.69 -12.44
CA MET A 83 -26.65 11.00 -11.16
C MET A 83 -27.54 11.77 -10.22
N ASN A 84 -28.68 11.20 -9.84
CA ASN A 84 -29.59 11.80 -8.88
C ASN A 84 -29.51 11.06 -7.56
N SER A 85 -30.06 11.70 -6.52
CA SER A 85 -30.20 11.08 -5.20
C SER A 85 -28.88 10.46 -4.71
N LEU A 86 -27.80 11.22 -4.89
CA LEU A 86 -26.47 10.69 -4.63
C LEU A 86 -26.27 10.33 -3.17
N ARG A 87 -25.45 9.32 -2.93
CA ARG A 87 -25.17 8.81 -1.59
C ARG A 87 -23.67 8.75 -1.37
N ALA A 88 -23.26 8.67 -0.10
CA ALA A 88 -21.84 8.62 0.23
C ALA A 88 -21.13 7.49 -0.52
N GLU A 89 -21.78 6.32 -0.61
CA GLU A 89 -21.15 5.18 -1.26
C GLU A 89 -20.99 5.35 -2.77
N ASP A 90 -21.56 6.41 -3.35
CA ASP A 90 -21.32 6.73 -4.77
C ASP A 90 -20.01 7.46 -4.99
N THR A 91 -19.30 7.86 -3.93
CA THR A 91 -18.00 8.50 -4.07
C THR A 91 -17.02 7.57 -4.79
N ALA A 92 -16.45 8.04 -5.89
CA ALA A 92 -15.58 7.21 -6.71
C ALA A 92 -14.99 8.04 -7.84
N VAL A 93 -14.00 7.48 -8.52
CA VAL A 93 -13.57 7.98 -9.82
C VAL A 93 -14.46 7.33 -10.88
N TYR A 94 -15.10 8.15 -11.71
CA TYR A 94 -15.97 7.66 -12.77
C TYR A 94 -15.25 7.76 -14.11
N TYR A 95 -15.18 6.64 -14.81
CA TYR A 95 -14.54 6.51 -16.11
C TYR A 95 -15.60 6.24 -17.16
N CYS A 96 -15.46 6.86 -18.33
CA CYS A 96 -16.16 6.36 -19.50
C CYS A 96 -15.22 5.44 -20.26
N ALA A 97 -15.80 4.44 -20.93
CA ALA A 97 -15.01 3.47 -21.65
C ALA A 97 -15.73 3.07 -22.93
N LYS A 98 -14.96 2.84 -23.97
CA LYS A 98 -15.50 2.51 -25.29
C LYS A 98 -15.60 1.00 -25.42
N VAL A 99 -16.77 0.52 -25.85
CA VAL A 99 -16.93 -0.89 -26.14
C VAL A 99 -16.07 -1.27 -27.34
N TRP A 100 -15.37 -2.39 -27.24
CA TRP A 100 -14.45 -2.75 -28.31
C TRP A 100 -15.23 -3.28 -29.52
N PHE A 101 -14.54 -3.34 -30.65
CA PHE A 101 -15.11 -3.94 -31.84
C PHE A 101 -14.99 -5.45 -31.72
N GLY A 102 -16.14 -6.13 -31.67
CA GLY A 102 -16.19 -7.58 -31.66
C GLY A 102 -16.96 -8.09 -32.86
N GLU A 103 -16.96 -9.40 -33.01
CA GLU A 103 -17.66 -10.04 -34.11
C GLU A 103 -19.07 -10.43 -33.68
N SER A 104 -19.95 -10.57 -34.66
CA SER A 104 -21.39 -10.48 -34.43
C SER A 104 -21.87 -11.38 -33.29
N GLU A 105 -21.45 -12.64 -33.30
CA GLU A 105 -21.96 -13.61 -32.33
C GLU A 105 -21.03 -13.74 -31.13
N ASP A 106 -20.63 -12.62 -30.54
CA ASP A 106 -19.73 -12.61 -29.38
C ASP A 106 -20.28 -11.67 -28.31
N ASN A 107 -19.90 -11.95 -27.07
CA ASN A 107 -20.01 -10.96 -26.01
C ASN A 107 -18.93 -9.90 -26.21
N TYR A 108 -19.06 -8.78 -25.49
CA TYR A 108 -18.15 -7.66 -25.66
C TYR A 108 -17.82 -7.03 -24.31
N SER A 109 -16.70 -6.32 -24.27
CA SER A 109 -16.36 -5.44 -23.15
C SER A 109 -15.67 -4.20 -23.70
N VAL A 110 -14.83 -3.55 -22.89
CA VAL A 110 -14.29 -2.24 -23.23
C VAL A 110 -12.81 -2.34 -23.58
N ASP A 111 -12.38 -1.54 -24.56
CA ASP A 111 -10.98 -1.49 -24.95
C ASP A 111 -10.25 -0.24 -24.48
N VAL A 112 -10.88 0.93 -24.52
CA VAL A 112 -10.21 2.19 -24.17
C VAL A 112 -10.98 2.86 -23.03
N TRP A 113 -10.25 3.33 -22.02
CA TRP A 113 -10.80 4.04 -20.88
C TRP A 113 -10.34 5.50 -20.90
N GLY A 114 -11.21 6.39 -20.39
CA GLY A 114 -10.78 7.75 -20.12
C GLY A 114 -9.97 7.81 -18.84
N GLN A 115 -9.46 9.00 -18.53
CA GLN A 115 -8.65 9.14 -17.32
C GLN A 115 -9.49 9.32 -16.05
N GLY A 116 -10.80 9.46 -16.17
CA GLY A 116 -11.68 9.51 -15.02
C GLY A 116 -11.93 10.91 -14.51
N THR A 117 -13.04 11.06 -13.80
CA THR A 117 -13.37 12.30 -13.11
C THR A 117 -13.94 11.95 -11.74
N THR A 118 -13.52 12.68 -10.71
CA THR A 118 -13.77 12.27 -9.34
C THR A 118 -15.08 12.86 -8.83
N VAL A 119 -15.89 12.02 -8.18
CA VAL A 119 -17.15 12.42 -7.58
C VAL A 119 -17.07 12.11 -6.09
N THR A 120 -17.31 13.12 -5.27
CA THR A 120 -17.21 13.01 -3.81
C THR A 120 -18.53 13.44 -3.20
N VAL A 121 -19.24 12.50 -2.62
CA VAL A 121 -20.53 12.75 -1.98
C VAL A 121 -20.29 12.85 -0.48
N SER A 122 -20.47 14.04 0.09
CA SER A 122 -20.19 14.26 1.50
C SER A 122 -20.96 15.46 2.00
N SER A 123 -21.27 15.44 3.28
CA SER A 123 -21.88 16.56 3.98
C SER A 123 -20.87 17.58 4.50
N ALA A 124 -19.57 17.31 4.34
CA ALA A 124 -18.55 18.22 4.84
C ALA A 124 -18.50 19.49 4.00
N SER A 125 -18.09 20.59 4.63
CA SER A 125 -17.99 21.88 3.98
C SER A 125 -16.53 22.23 3.74
N THR A 126 -16.29 23.04 2.70
CA THR A 126 -14.93 23.39 2.30
C THR A 126 -14.20 24.11 3.44
N LYS A 127 -13.03 23.58 3.79
CA LYS A 127 -12.31 24.07 4.96
C LYS A 127 -10.82 23.81 4.73
N GLY A 128 -10.00 24.84 4.94
CA GLY A 128 -8.58 24.68 4.88
C GLY A 128 -8.07 23.90 6.07
N PRO A 129 -6.86 23.35 5.97
CA PRO A 129 -6.32 22.57 7.09
C PRO A 129 -5.73 23.46 8.17
N SER A 130 -5.75 22.94 9.40
CA SER A 130 -4.89 23.45 10.44
C SER A 130 -3.53 22.77 10.30
N VAL A 131 -2.46 23.55 10.46
CA VAL A 131 -1.11 23.04 10.25
C VAL A 131 -0.36 23.13 11.57
N PHE A 132 0.12 21.99 12.05
CA PHE A 132 0.82 21.92 13.32
C PHE A 132 2.22 21.35 13.11
N PRO A 133 3.22 21.86 13.82
CA PRO A 133 4.57 21.30 13.68
C PRO A 133 4.67 19.93 14.32
N LEU A 134 5.51 19.09 13.72
CA LEU A 134 5.93 17.80 14.27
C LEU A 134 7.38 18.02 14.66
N ALA A 135 7.59 18.32 15.94
CA ALA A 135 8.85 18.90 16.41
C ALA A 135 9.91 17.83 16.58
N PRO A 136 11.12 18.05 16.09
CA PRO A 136 12.19 17.09 16.35
C PRO A 136 12.68 17.21 17.78
N SER A 137 13.23 16.10 18.28
CA SER A 137 13.80 16.02 19.62
C SER A 137 14.72 14.82 19.65
N SER A 138 15.20 14.47 20.85
CA SER A 138 15.94 13.22 21.01
C SER A 138 15.06 12.01 20.69
N LYS A 139 13.74 12.18 20.77
CA LYS A 139 12.78 11.11 20.48
C LYS A 139 12.55 10.92 18.99
N SER A 140 13.03 11.84 18.16
CA SER A 140 13.00 11.68 16.70
C SER A 140 14.41 11.78 16.13
N THR A 141 15.40 11.40 16.92
CA THR A 141 16.81 11.46 16.53
C THR A 141 17.42 10.09 16.69
N SER A 142 18.00 9.57 15.61
CA SER A 142 18.73 8.30 15.63
C SER A 142 20.08 8.54 14.96
N GLY A 143 21.13 8.67 15.76
CA GLY A 143 22.45 8.90 15.20
C GLY A 143 22.55 10.30 14.62
N GLY A 144 23.08 10.40 13.42
CA GLY A 144 23.19 11.67 12.74
C GLY A 144 21.96 12.10 11.99
N THR A 145 20.84 11.40 12.14
CA THR A 145 19.61 11.71 11.41
C THR A 145 18.50 12.04 12.39
N ALA A 146 17.74 13.09 12.07
CA ALA A 146 16.57 13.46 12.83
C ALA A 146 15.37 13.60 11.90
N ALA A 147 14.20 13.28 12.39
CA ALA A 147 12.95 13.46 11.65
C ALA A 147 12.18 14.65 12.21
N LEU A 148 11.52 15.38 11.31
CA LEU A 148 10.63 16.47 11.70
C LEU A 148 9.52 16.54 10.66
N GLY A 149 8.52 17.38 10.90
CA GLY A 149 7.46 17.47 9.91
C GLY A 149 6.35 18.44 10.26
N CYS A 150 5.23 18.26 9.55
CA CYS A 150 4.02 19.03 9.75
C CYS A 150 2.80 18.12 9.63
N LEU A 151 1.86 18.30 10.55
CA LEU A 151 0.55 17.64 10.51
C LEU A 151 -0.45 18.61 9.89
N VAL A 152 -1.09 18.17 8.81
CA VAL A 152 -2.02 18.95 8.00
C VAL A 152 -3.40 18.34 8.23
N LYS A 153 -4.18 18.91 9.16
CA LYS A 153 -5.30 18.21 9.75
C LYS A 153 -6.63 18.93 9.49
N ASP A 154 -7.69 18.14 9.30
CA ASP A 154 -9.07 18.62 9.26
C ASP A 154 -9.31 19.58 8.09
N TYR A 155 -9.06 19.09 6.88
CA TYR A 155 -9.38 19.84 5.68
C TYR A 155 -10.36 19.08 4.80
N PHE A 156 -11.00 19.79 3.89
CA PHE A 156 -11.95 19.20 2.95
C PHE A 156 -12.16 20.16 1.81
N PRO A 157 -12.18 19.70 0.55
CA PRO A 157 -11.92 18.32 0.14
C PRO A 157 -10.45 18.12 -0.22
N GLU A 158 -10.11 16.96 -0.77
CA GLU A 158 -8.79 16.78 -1.37
C GLU A 158 -8.65 17.74 -2.56
N PRO A 159 -7.42 18.10 -2.93
CA PRO A 159 -6.13 17.72 -2.35
C PRO A 159 -5.47 18.87 -1.57
N VAL A 160 -4.35 18.57 -0.92
CA VAL A 160 -3.44 19.60 -0.41
C VAL A 160 -2.07 19.32 -0.97
N THR A 161 -1.25 20.36 -1.11
CA THR A 161 0.14 20.22 -1.47
C THR A 161 1.01 20.72 -0.32
N VAL A 162 2.16 20.07 -0.14
CA VAL A 162 3.12 20.44 0.90
C VAL A 162 4.51 20.55 0.27
N SER A 163 5.17 21.68 0.48
CA SER A 163 6.57 21.84 0.12
C SER A 163 7.37 22.19 1.37
N TRP A 164 8.69 22.15 1.26
CA TRP A 164 9.57 22.44 2.39
C TRP A 164 10.59 23.50 2.00
N ASN A 165 10.72 24.53 2.84
CA ASN A 165 11.60 25.66 2.60
C ASN A 165 11.41 26.22 1.19
N SER A 166 10.13 26.39 0.82
CA SER A 166 9.73 26.97 -0.47
C SER A 166 10.25 26.16 -1.65
N GLY A 167 10.47 24.86 -1.46
CA GLY A 167 10.91 23.98 -2.52
C GLY A 167 12.40 23.68 -2.52
N ALA A 168 13.18 24.36 -1.67
CA ALA A 168 14.62 24.13 -1.58
C ALA A 168 14.98 22.82 -0.90
N LEU A 169 14.05 22.19 -0.18
CA LEU A 169 14.30 20.95 0.53
C LEU A 169 13.37 19.89 -0.02
N THR A 170 13.93 18.92 -0.73
CA THR A 170 13.12 17.86 -1.35
C THR A 170 13.64 16.48 -0.96
N SER A 171 14.93 16.37 -0.69
CA SER A 171 15.53 15.08 -0.36
C SER A 171 15.01 14.58 0.98
N GLY A 172 14.54 13.34 1.00
CA GLY A 172 14.09 12.73 2.25
C GLY A 172 12.71 13.15 2.71
N VAL A 173 11.91 13.76 1.85
CA VAL A 173 10.55 14.17 2.19
C VAL A 173 9.60 13.03 1.87
N HIS A 174 8.74 12.67 2.84
CA HIS A 174 7.61 11.79 2.62
C HIS A 174 6.34 12.54 3.01
N THR A 175 5.46 12.76 2.04
CA THR A 175 4.14 13.31 2.32
C THR A 175 3.13 12.17 2.19
N PHE A 176 2.44 11.85 3.28
CA PHE A 176 1.67 10.63 3.34
C PHE A 176 0.31 10.79 2.65
N PRO A 177 -0.25 9.71 2.12
CA PRO A 177 -1.63 9.78 1.63
C PRO A 177 -2.57 10.17 2.75
N ALA A 178 -3.56 10.99 2.41
CA ALA A 178 -4.50 11.46 3.40
C ALA A 178 -5.41 10.31 3.85
N VAL A 179 -5.84 10.39 5.10
CA VAL A 179 -6.86 9.48 5.63
C VAL A 179 -8.11 10.31 5.89
N LEU A 180 -9.26 9.72 5.56
CA LEU A 180 -10.54 10.34 5.85
C LEU A 180 -10.93 10.01 7.29
N GLN A 181 -11.07 11.05 8.11
CA GLN A 181 -11.40 10.84 9.51
C GLN A 181 -12.89 10.61 9.68
N SER A 182 -13.27 10.16 10.88
CA SER A 182 -14.69 9.91 11.15
C SER A 182 -15.51 11.19 11.11
N SER A 183 -14.87 12.36 11.21
CA SER A 183 -15.54 13.64 11.06
C SER A 183 -15.90 13.97 9.61
N GLY A 184 -15.39 13.20 8.65
CA GLY A 184 -15.55 13.54 7.25
C GLY A 184 -14.51 14.50 6.71
N LEU A 185 -13.51 14.85 7.50
CA LEU A 185 -12.41 15.71 7.06
C LEU A 185 -11.14 14.87 6.89
N TYR A 186 -10.26 15.34 6.01
CA TYR A 186 -9.02 14.63 5.71
C TYR A 186 -7.89 15.12 6.62
N SER A 187 -6.90 14.25 6.80
CA SER A 187 -5.72 14.59 7.60
C SER A 187 -4.53 13.83 7.04
N LEU A 188 -3.38 14.50 6.99
CA LEU A 188 -2.15 13.84 6.59
C LEU A 188 -0.97 14.46 7.33
N SER A 189 0.18 13.81 7.22
CA SER A 189 1.45 14.34 7.69
C SER A 189 2.44 14.41 6.54
N SER A 190 3.36 15.36 6.63
CA SER A 190 4.53 15.42 5.76
C SER A 190 5.76 15.49 6.64
N VAL A 191 6.71 14.59 6.43
CA VAL A 191 7.90 14.49 7.26
C VAL A 191 9.12 14.57 6.38
N VAL A 192 10.24 14.88 7.02
CA VAL A 192 11.54 14.91 6.36
C VAL A 192 12.59 14.49 7.39
N THR A 193 13.61 13.76 6.92
CA THR A 193 14.79 13.47 7.73
C THR A 193 15.92 14.38 7.31
N VAL A 194 16.66 14.87 8.29
CA VAL A 194 17.71 15.89 8.10
C VAL A 194 18.90 15.52 8.97
N PRO A 195 20.05 16.16 8.79
CA PRO A 195 21.17 15.95 9.72
C PRO A 195 20.84 16.44 11.11
N SER A 196 21.09 15.57 12.11
CA SER A 196 20.82 15.96 13.49
CA SER A 196 20.83 15.95 13.49
C SER A 196 21.63 17.17 13.91
N SER A 197 22.84 17.34 13.37
CA SER A 197 23.69 18.48 13.70
C SER A 197 23.11 19.81 13.23
N SER A 198 22.09 19.80 12.37
CA SER A 198 21.49 21.01 11.85
C SER A 198 20.36 21.54 12.72
N LEU A 199 19.85 20.74 13.65
CA LEU A 199 18.69 21.15 14.44
C LEU A 199 19.03 22.34 15.33
N GLY A 200 18.10 23.30 15.39
CA GLY A 200 18.27 24.48 16.20
C GLY A 200 18.94 25.65 15.49
N THR A 201 19.62 25.41 14.38
CA THR A 201 20.24 26.49 13.62
C THR A 201 19.72 26.58 12.19
N GLN A 202 19.54 25.45 11.51
CA GLN A 202 18.90 25.48 10.19
C GLN A 202 17.40 25.67 10.34
N THR A 203 16.84 26.58 9.55
CA THR A 203 15.40 26.82 9.57
C THR A 203 14.69 25.82 8.68
N TYR A 204 13.61 25.23 9.21
CA TYR A 204 12.78 24.29 8.46
C TYR A 204 11.34 24.77 8.51
N ILE A 205 10.75 25.02 7.34
CA ILE A 205 9.41 25.56 7.22
C ILE A 205 8.63 24.71 6.22
N CYS A 206 7.45 24.26 6.61
CA CYS A 206 6.57 23.60 5.65
C CYS A 206 5.55 24.58 5.10
N ASN A 207 5.32 24.50 3.79
CA ASN A 207 4.42 25.38 3.05
C ASN A 207 3.24 24.54 2.58
N VAL A 208 2.06 24.81 3.12
CA VAL A 208 0.86 24.02 2.86
C VAL A 208 -0.08 24.85 2.00
N ASN A 209 -0.54 24.27 0.91
CA ASN A 209 -1.46 24.95 -0.01
C ASN A 209 -2.70 24.10 -0.18
N HIS A 210 -3.87 24.71 0.04
CA HIS A 210 -5.17 24.07 -0.14
C HIS A 210 -5.98 24.97 -1.06
N LYS A 211 -5.94 24.66 -2.36
CA LYS A 211 -6.59 25.50 -3.36
C LYS A 211 -8.09 25.64 -3.18
N PRO A 212 -8.86 24.60 -2.81
CA PRO A 212 -10.32 24.79 -2.72
C PRO A 212 -10.74 25.89 -1.76
N SER A 213 -9.96 26.14 -0.71
CA SER A 213 -10.25 27.20 0.25
C SER A 213 -9.32 28.39 0.12
N ASN A 214 -8.38 28.36 -0.82
CA ASN A 214 -7.38 29.43 -0.97
C ASN A 214 -6.51 29.54 0.28
N THR A 215 -6.28 28.42 0.96
CA THR A 215 -5.46 28.42 2.17
C THR A 215 -3.99 28.28 1.79
N LYS A 216 -3.16 29.17 2.34
CA LYS A 216 -1.70 29.03 2.28
C LYS A 216 -1.19 29.23 3.69
N VAL A 217 -0.40 28.27 4.18
CA VAL A 217 0.08 28.31 5.56
C VAL A 217 1.55 27.91 5.59
N ASP A 218 2.40 28.78 6.13
CA ASP A 218 3.78 28.43 6.43
C ASP A 218 3.89 28.13 7.91
N LYS A 219 4.52 27.01 8.25
CA LYS A 219 4.73 26.62 9.64
C LYS A 219 6.20 26.34 9.85
N LYS A 220 6.85 27.12 10.72
CA LYS A 220 8.22 26.86 11.11
C LYS A 220 8.24 25.74 12.15
N VAL A 221 9.08 24.74 11.91
CA VAL A 221 9.18 23.58 12.78
C VAL A 221 10.45 23.73 13.60
N GLU A 222 10.30 23.98 14.91
CA GLU A 222 11.43 24.16 15.81
C GLU A 222 11.57 22.97 16.75
N PRO A 223 12.79 22.61 17.13
CA PRO A 223 12.99 21.45 18.01
C PRO A 223 12.41 21.67 19.39
N LYS A 224 12.09 20.55 20.04
CA LYS A 224 11.77 20.52 21.46
C LYS A 224 12.99 20.06 22.25
N SER A 225 12.91 20.22 23.57
CA SER A 225 14.06 20.01 24.45
C SER A 225 14.14 18.61 25.02
N CYS A 226 13.16 17.76 24.77
CA CYS A 226 13.19 16.39 25.29
C CYS A 226 14.01 15.46 24.40
N ASP B 1 -25.73 -12.82 -10.27
CA ASP B 1 -24.52 -12.04 -10.22
C ASP B 1 -23.29 -12.94 -10.08
N ILE B 2 -22.45 -12.95 -11.11
CA ILE B 2 -21.27 -13.82 -11.12
C ILE B 2 -20.18 -13.19 -10.26
N GLN B 3 -19.61 -13.98 -9.35
CA GLN B 3 -18.56 -13.52 -8.45
C GLN B 3 -17.20 -13.89 -9.02
N MET B 4 -16.30 -12.92 -9.05
CA MET B 4 -14.93 -13.13 -9.52
C MET B 4 -13.96 -12.95 -8.36
N THR B 5 -12.99 -13.84 -8.25
CA THR B 5 -12.00 -13.76 -7.18
C THR B 5 -10.61 -13.99 -7.73
N GLN B 6 -9.65 -13.16 -7.32
CA GLN B 6 -8.29 -13.25 -7.81
C GLN B 6 -7.35 -13.65 -6.69
N SER B 7 -6.29 -14.38 -7.06
CA SER B 7 -5.26 -14.73 -6.11
C SER B 7 -3.89 -14.65 -6.76
N PRO B 8 -2.87 -14.18 -6.01
CA PRO B 8 -3.04 -13.63 -4.65
C PRO B 8 -3.41 -12.16 -4.70
N SER B 9 -3.66 -11.52 -3.55
CA SER B 9 -3.95 -10.09 -3.55
C SER B 9 -2.71 -9.28 -3.89
N THR B 10 -1.56 -9.66 -3.35
CA THR B 10 -0.28 -9.02 -3.64
C THR B 10 0.76 -10.11 -3.88
N LEU B 11 1.57 -9.91 -4.91
CA LEU B 11 2.67 -10.81 -5.22
C LEU B 11 3.95 -9.99 -5.24
N SER B 12 4.87 -10.30 -4.33
CA SER B 12 6.18 -9.66 -4.31
C SER B 12 7.09 -10.38 -5.30
N THR B 13 7.59 -9.65 -6.30
CA THR B 13 8.26 -10.32 -7.40
C THR B 13 9.40 -9.44 -7.93
N SER B 14 10.20 -10.03 -8.82
CA SER B 14 11.46 -9.45 -9.25
C SER B 14 11.53 -9.46 -10.77
N VAL B 15 12.30 -8.50 -11.31
CA VAL B 15 12.54 -8.46 -12.74
C VAL B 15 13.14 -9.77 -13.19
N GLY B 16 12.58 -10.35 -14.24
CA GLY B 16 13.05 -11.61 -14.79
C GLY B 16 12.27 -12.82 -14.32
N ASP B 17 11.44 -12.69 -13.29
CA ASP B 17 10.67 -13.82 -12.80
C ASP B 17 9.55 -14.17 -13.78
N ARG B 18 9.23 -15.46 -13.85
CA ARG B 18 7.99 -15.91 -14.47
C ARG B 18 6.87 -15.79 -13.44
N VAL B 19 5.80 -15.08 -13.80
CA VAL B 19 4.73 -14.75 -12.86
C VAL B 19 3.42 -15.30 -13.40
N THR B 20 2.67 -15.98 -12.56
CA THR B 20 1.33 -16.45 -12.91
C THR B 20 0.37 -16.03 -11.81
N ILE B 21 -0.71 -15.36 -12.20
CA ILE B 21 -1.76 -14.97 -11.27
C ILE B 21 -3.07 -15.61 -11.73
N THR B 22 -3.98 -15.83 -10.79
CA THR B 22 -5.16 -16.63 -11.08
C THR B 22 -6.44 -15.85 -10.81
N CYS B 23 -7.48 -16.23 -11.55
CA CYS B 23 -8.80 -15.62 -11.48
C CYS B 23 -9.84 -16.72 -11.59
N ARG B 24 -10.81 -16.72 -10.68
CA ARG B 24 -11.84 -17.74 -10.64
C ARG B 24 -13.22 -17.10 -10.69
N ALA B 25 -14.12 -17.73 -11.44
CA ALA B 25 -15.51 -17.30 -11.55
C ALA B 25 -16.40 -18.26 -10.76
N SER B 26 -17.46 -17.72 -10.15
CA SER B 26 -18.36 -18.54 -9.35
C SER B 26 -19.19 -19.51 -10.19
N GLN B 27 -19.32 -19.25 -11.48
CA GLN B 27 -19.96 -20.19 -12.38
C GLN B 27 -19.25 -20.09 -13.73
N SER B 28 -19.63 -20.97 -14.65
CA SER B 28 -18.95 -20.99 -15.94
C SER B 28 -19.23 -19.71 -16.70
N ILE B 29 -18.15 -19.09 -17.20
CA ILE B 29 -18.24 -17.92 -18.05
C ILE B 29 -17.70 -18.22 -19.45
N SER B 30 -17.58 -19.51 -19.79
CA SER B 30 -16.99 -19.94 -21.05
C SER B 30 -15.59 -19.33 -21.10
N ASN B 31 -15.18 -18.65 -22.17
CA ASN B 31 -13.90 -17.96 -22.20
C ASN B 31 -14.07 -16.45 -22.34
N TRP B 32 -15.23 -15.92 -21.93
CA TRP B 32 -15.49 -14.48 -21.97
C TRP B 32 -14.84 -13.82 -20.75
N LEU B 33 -13.51 -13.72 -20.80
CA LEU B 33 -12.75 -13.14 -19.72
C LEU B 33 -11.67 -12.22 -20.25
N ALA B 34 -11.59 -11.01 -19.70
CA ALA B 34 -10.59 -10.02 -20.08
C ALA B 34 -9.68 -9.72 -18.89
N TRP B 35 -8.49 -9.22 -19.21
CA TRP B 35 -7.49 -8.81 -18.24
C TRP B 35 -7.09 -7.38 -18.55
N TYR B 36 -7.21 -6.50 -17.54
CA TYR B 36 -6.81 -5.10 -17.60
C TYR B 36 -5.68 -4.84 -16.60
N GLN B 37 -4.81 -3.91 -16.97
CA GLN B 37 -3.68 -3.48 -16.14
C GLN B 37 -3.88 -2.02 -15.73
N GLN B 38 -3.54 -1.70 -14.48
CA GLN B 38 -3.71 -0.36 -13.96
C GLN B 38 -2.55 0.01 -13.05
N LYS B 39 -1.99 1.20 -13.27
CA LYS B 39 -0.99 1.80 -12.40
C LYS B 39 -1.62 2.94 -11.60
N PRO B 40 -1.04 3.31 -10.45
CA PRO B 40 -1.66 4.31 -9.60
C PRO B 40 -1.88 5.63 -10.34
N GLY B 41 -3.05 6.22 -10.11
CA GLY B 41 -3.42 7.48 -10.73
C GLY B 41 -3.74 7.39 -12.21
N LYS B 42 -3.68 6.20 -12.80
CA LYS B 42 -3.86 6.01 -14.23
C LYS B 42 -5.10 5.16 -14.49
N ALA B 43 -5.63 5.29 -15.69
CA ALA B 43 -6.76 4.49 -16.13
C ALA B 43 -6.33 3.07 -16.46
N PRO B 44 -7.22 2.10 -16.33
CA PRO B 44 -6.89 0.73 -16.72
C PRO B 44 -6.64 0.61 -18.23
N LYS B 45 -5.96 -0.46 -18.60
CA LYS B 45 -5.56 -0.69 -19.98
C LYS B 45 -5.80 -2.16 -20.34
N LEU B 46 -6.44 -2.40 -21.47
CA LEU B 46 -6.76 -3.76 -21.87
C LEU B 46 -5.52 -4.53 -22.28
N LEU B 47 -5.31 -5.69 -21.67
CA LEU B 47 -4.22 -6.57 -22.04
C LEU B 47 -4.69 -7.79 -22.81
N ILE B 48 -5.70 -8.49 -22.30
CA ILE B 48 -6.08 -9.79 -22.86
C ILE B 48 -7.61 -9.86 -22.96
N TYR B 49 -8.11 -10.38 -24.07
CA TYR B 49 -9.54 -10.64 -24.20
C TYR B 49 -9.76 -12.08 -24.66
N LYS B 50 -10.99 -12.55 -24.45
CA LYS B 50 -11.37 -13.94 -24.73
C LYS B 50 -10.39 -14.91 -24.07
N ALA B 51 -9.98 -14.58 -22.85
CA ALA B 51 -9.15 -15.40 -21.98
C ALA B 51 -7.70 -15.52 -22.45
N SER B 52 -7.46 -15.59 -23.76
CA SER B 52 -6.10 -15.86 -24.23
C SER B 52 -5.64 -15.03 -25.43
N THR B 53 -6.41 -14.06 -25.91
CA THR B 53 -6.00 -13.26 -27.07
C THR B 53 -5.39 -11.95 -26.59
N LEU B 54 -4.16 -11.68 -27.01
CA LEU B 54 -3.48 -10.44 -26.65
C LEU B 54 -4.04 -9.26 -27.45
N GLU B 55 -4.26 -8.15 -26.76
CA GLU B 55 -4.60 -6.90 -27.44
C GLU B 55 -3.41 -6.43 -28.27
N SER B 56 -3.70 -5.71 -29.35
CA SER B 56 -2.64 -5.20 -30.20
C SER B 56 -1.71 -4.30 -29.40
N GLY B 57 -0.41 -4.43 -29.65
CA GLY B 57 0.60 -3.68 -28.94
C GLY B 57 1.07 -4.29 -27.64
N VAL B 58 0.36 -5.27 -27.09
CA VAL B 58 0.77 -5.88 -25.83
C VAL B 58 1.99 -6.78 -26.06
N PRO B 59 3.06 -6.63 -25.29
CA PRO B 59 4.26 -7.43 -25.55
C PRO B 59 4.03 -8.93 -25.40
N SER B 60 4.82 -9.71 -26.13
CA SER B 60 4.62 -11.15 -26.25
C SER B 60 4.92 -11.91 -24.95
N ARG B 61 5.55 -11.28 -23.97
CA ARG B 61 5.78 -11.96 -22.71
C ARG B 61 4.50 -12.18 -21.91
N PHE B 62 3.38 -11.59 -22.33
CA PHE B 62 2.09 -11.81 -21.69
C PHE B 62 1.35 -12.96 -22.36
N SER B 63 0.67 -13.77 -21.55
CA SER B 63 -0.25 -14.76 -22.08
C SER B 63 -1.36 -15.01 -21.07
N GLY B 64 -2.43 -15.65 -21.53
CA GLY B 64 -3.53 -16.00 -20.67
C GLY B 64 -4.07 -17.36 -21.06
N SER B 65 -4.72 -18.01 -20.09
CA SER B 65 -5.22 -19.35 -20.31
C SER B 65 -6.45 -19.59 -19.47
N GLY B 66 -7.30 -20.50 -19.94
CA GLY B 66 -8.46 -20.91 -19.16
C GLY B 66 -9.79 -20.88 -19.90
N SER B 67 -10.73 -21.69 -19.44
CA SER B 67 -12.07 -21.72 -19.98
C SER B 67 -12.99 -22.35 -18.94
N GLY B 68 -14.14 -21.75 -18.71
CA GLY B 68 -15.05 -22.24 -17.68
C GLY B 68 -15.04 -21.40 -16.44
N THR B 69 -14.31 -21.85 -15.39
CA THR B 69 -14.23 -21.11 -14.13
C THR B 69 -12.83 -20.75 -13.68
N GLU B 70 -11.78 -21.33 -14.26
CA GLU B 70 -10.41 -21.12 -13.79
C GLU B 70 -9.57 -20.47 -14.89
N PHE B 71 -8.90 -19.37 -14.57
CA PHE B 71 -8.13 -18.64 -15.56
C PHE B 71 -6.82 -18.18 -14.95
N THR B 72 -5.82 -18.03 -15.81
CA THR B 72 -4.53 -17.52 -15.39
C THR B 72 -4.02 -16.49 -16.38
N LEU B 73 -3.24 -15.53 -15.85
CA LEU B 73 -2.42 -14.65 -16.64
C LEU B 73 -0.97 -14.91 -16.28
N THR B 74 -0.10 -15.00 -17.28
CA THR B 74 1.31 -15.29 -17.08
C THR B 74 2.18 -14.26 -17.80
N ILE B 75 3.17 -13.75 -17.09
CA ILE B 75 4.25 -12.96 -17.65
C ILE B 75 5.49 -13.86 -17.66
N SER B 76 6.02 -14.14 -18.85
CA SER B 76 7.11 -15.11 -18.96
C SER B 76 8.39 -14.60 -18.30
N SER B 77 8.66 -13.30 -18.40
CA SER B 77 9.86 -12.72 -17.79
C SER B 77 9.53 -11.26 -17.45
N LEU B 78 9.36 -10.99 -16.17
CA LEU B 78 8.82 -9.70 -15.75
C LEU B 78 9.79 -8.56 -16.03
N GLN B 79 9.24 -7.41 -16.43
CA GLN B 79 9.97 -6.17 -16.64
C GLN B 79 9.43 -5.08 -15.71
N PRO B 80 10.23 -4.06 -15.43
CA PRO B 80 9.77 -2.96 -14.54
C PRO B 80 8.44 -2.36 -14.94
N ASP B 81 8.15 -2.28 -16.23
CA ASP B 81 6.88 -1.72 -16.67
C ASP B 81 5.69 -2.54 -16.19
N ASP B 82 5.91 -3.79 -15.78
CA ASP B 82 4.82 -4.68 -15.41
C ASP B 82 4.39 -4.55 -13.95
N PHE B 83 5.11 -3.77 -13.13
CA PHE B 83 4.70 -3.57 -11.74
C PHE B 83 3.46 -2.69 -11.72
N ALA B 84 2.33 -3.29 -11.37
CA ALA B 84 1.01 -2.70 -11.56
C ALA B 84 0.00 -3.63 -10.89
N THR B 85 -1.26 -3.21 -10.91
CA THR B 85 -2.36 -4.04 -10.45
C THR B 85 -3.11 -4.60 -11.65
N TYR B 86 -3.42 -5.90 -11.59
CA TYR B 86 -4.07 -6.60 -12.68
C TYR B 86 -5.46 -7.04 -12.25
N TYR B 87 -6.46 -6.72 -13.08
CA TYR B 87 -7.85 -7.08 -12.81
C TYR B 87 -8.36 -8.01 -13.88
N CYS B 88 -9.02 -9.09 -13.49
CA CYS B 88 -9.78 -9.85 -14.47
C CYS B 88 -11.22 -9.35 -14.49
N GLN B 89 -11.91 -9.63 -15.60
CA GLN B 89 -13.30 -9.21 -15.78
C GLN B 89 -14.02 -10.24 -16.63
N GLN B 90 -15.09 -10.83 -16.10
CA GLN B 90 -15.97 -11.63 -16.93
C GLN B 90 -16.94 -10.72 -17.67
N TYR B 91 -17.19 -11.04 -18.93
CA TYR B 91 -18.21 -10.36 -19.71
C TYR B 91 -19.12 -11.37 -20.38
N SER B 92 -19.36 -12.49 -19.69
CA SER B 92 -20.33 -13.47 -20.15
C SER B 92 -21.76 -13.04 -19.79
N SER B 93 -21.95 -12.46 -18.61
CA SER B 93 -23.25 -11.98 -18.17
C SER B 93 -23.05 -10.65 -17.45
N TYR B 94 -23.39 -9.56 -18.14
CA TYR B 94 -23.01 -8.21 -17.72
C TYR B 94 -21.50 -8.15 -17.50
N TRP B 95 -21.04 -7.41 -16.49
CA TRP B 95 -19.63 -7.13 -16.31
C TRP B 95 -19.32 -7.09 -14.82
N THR B 96 -18.41 -7.94 -14.36
CA THR B 96 -17.95 -7.93 -12.98
C THR B 96 -16.45 -8.15 -12.96
N PHE B 97 -15.76 -7.41 -12.08
CA PHE B 97 -14.31 -7.46 -11.97
C PHE B 97 -13.88 -8.30 -10.77
N GLY B 98 -12.70 -8.90 -10.88
CA GLY B 98 -12.02 -9.39 -9.69
C GLY B 98 -11.55 -8.24 -8.82
N GLN B 99 -11.03 -8.60 -7.65
CA GLN B 99 -10.54 -7.60 -6.71
C GLN B 99 -9.17 -7.06 -7.07
N GLY B 100 -8.48 -7.69 -8.01
CA GLY B 100 -7.18 -7.21 -8.45
C GLY B 100 -6.00 -7.89 -7.78
N THR B 101 -4.94 -8.13 -8.55
CA THR B 101 -3.69 -8.64 -8.01
C THR B 101 -2.60 -7.62 -8.28
N LYS B 102 -1.91 -7.20 -7.22
CA LYS B 102 -0.86 -6.21 -7.32
C LYS B 102 0.51 -6.90 -7.35
N LEU B 103 1.29 -6.63 -8.38
CA LEU B 103 2.67 -7.07 -8.43
C LEU B 103 3.54 -6.02 -7.72
N GLU B 104 4.17 -6.44 -6.63
CA GLU B 104 4.94 -5.57 -5.75
C GLU B 104 6.43 -5.78 -6.00
N ILE B 105 7.22 -4.72 -5.84
CA ILE B 105 8.65 -4.78 -6.11
C ILE B 105 9.35 -5.42 -4.92
N LYS B 106 9.87 -6.63 -5.12
CA LYS B 106 10.60 -7.31 -4.07
C LYS B 106 11.99 -6.70 -3.90
N ARG B 107 12.45 -6.63 -2.66
CA ARG B 107 13.80 -6.16 -2.34
C ARG B 107 14.24 -6.80 -1.03
N THR B 108 15.45 -6.46 -0.59
CA THR B 108 15.94 -6.98 0.67
C THR B 108 15.22 -6.32 1.85
N VAL B 109 15.32 -6.98 3.00
CA VAL B 109 14.63 -6.54 4.21
C VAL B 109 15.34 -5.33 4.80
N ALA B 110 14.56 -4.33 5.22
CA ALA B 110 15.09 -3.17 5.93
C ALA B 110 14.16 -2.85 7.09
N ALA B 111 14.69 -2.88 8.31
CA ALA B 111 13.89 -2.55 9.47
C ALA B 111 13.59 -1.05 9.47
N PRO B 112 12.44 -0.64 10.00
CA PRO B 112 12.11 0.79 10.01
C PRO B 112 12.93 1.55 11.03
N SER B 113 13.20 2.83 10.71
CA SER B 113 13.59 3.78 11.75
C SER B 113 12.32 4.31 12.40
N VAL B 114 12.33 4.47 13.72
CA VAL B 114 11.12 4.85 14.46
C VAL B 114 11.33 6.19 15.13
N PHE B 115 10.38 7.11 14.94
CA PHE B 115 10.40 8.44 15.53
C PHE B 115 9.04 8.75 16.12
N ILE B 116 9.01 9.55 17.20
CA ILE B 116 7.75 9.97 17.79
C ILE B 116 7.75 11.50 17.94
N PHE B 117 6.56 12.08 17.78
CA PHE B 117 6.36 13.53 17.81
C PHE B 117 5.23 13.84 18.77
N PRO B 118 5.46 14.69 19.78
CA PRO B 118 4.40 15.10 20.69
C PRO B 118 3.49 16.11 20.04
N PRO B 119 2.31 16.35 20.61
CA PRO B 119 1.44 17.39 20.07
C PRO B 119 2.04 18.77 20.26
N SER B 120 1.70 19.68 19.35
CA SER B 120 2.14 21.06 19.43
C SER B 120 1.31 21.82 20.45
N ASP B 121 1.92 22.86 21.03
CA ASP B 121 1.19 23.73 21.96
C ASP B 121 0.02 24.42 21.27
N GLU B 122 0.16 24.73 19.97
CA GLU B 122 -0.90 25.39 19.24
C GLU B 122 -2.15 24.52 19.18
N GLN B 123 -1.97 23.23 18.89
CA GLN B 123 -3.12 22.33 18.84
C GLN B 123 -3.68 22.07 20.23
N LEU B 124 -2.80 21.98 21.23
CA LEU B 124 -3.25 21.81 22.62
C LEU B 124 -4.13 22.97 23.06
N LYS B 125 -3.78 24.19 22.65
CA LYS B 125 -4.63 25.34 22.97
C LYS B 125 -6.02 25.23 22.37
N SER B 126 -6.19 24.45 21.31
CA SER B 126 -7.48 24.31 20.65
C SER B 126 -8.29 23.12 21.18
N GLY B 127 -7.76 22.37 22.13
CA GLY B 127 -8.52 21.32 22.79
C GLY B 127 -8.32 19.91 22.28
N THR B 128 -7.27 19.65 21.51
CA THR B 128 -7.01 18.33 20.95
C THR B 128 -5.51 18.05 21.00
N ALA B 129 -5.16 16.78 21.13
CA ALA B 129 -3.77 16.34 21.14
C ALA B 129 -3.59 15.23 20.13
N SER B 130 -2.79 15.49 19.11
CA SER B 130 -2.39 14.47 18.14
C SER B 130 -0.93 14.12 18.38
N VAL B 131 -0.66 12.83 18.54
CA VAL B 131 0.69 12.30 18.71
C VAL B 131 1.00 11.44 17.48
N VAL B 132 2.19 11.62 16.91
CA VAL B 132 2.50 10.96 15.65
C VAL B 132 3.69 10.04 15.83
N CYS B 133 3.58 8.81 15.31
CA CYS B 133 4.67 7.84 15.25
C CYS B 133 5.00 7.57 13.79
N LEU B 134 6.28 7.66 13.45
CA LEU B 134 6.75 7.53 12.08
C LEU B 134 7.68 6.33 11.99
N LEU B 135 7.42 5.45 11.01
CA LEU B 135 8.26 4.31 10.68
C LEU B 135 8.82 4.57 9.29
N ASN B 136 10.12 4.76 9.19
CA ASN B 136 10.72 5.28 7.97
C ASN B 136 11.52 4.23 7.25
N ASN B 137 11.23 4.08 5.94
CA ASN B 137 12.08 3.41 4.95
C ASN B 137 12.30 1.94 5.29
N PHE B 138 11.20 1.18 5.31
CA PHE B 138 11.26 -0.22 5.70
C PHE B 138 10.72 -1.13 4.60
N TYR B 139 11.10 -2.41 4.68
CA TYR B 139 10.59 -3.43 3.77
C TYR B 139 10.78 -4.79 4.42
N PRO B 140 9.80 -5.69 4.33
CA PRO B 140 8.50 -5.66 3.64
C PRO B 140 7.45 -4.74 4.28
N ARG B 141 6.26 -4.68 3.67
CA ARG B 141 5.26 -3.69 4.06
C ARG B 141 4.64 -3.97 5.42
N GLU B 142 4.63 -5.22 5.89
CA GLU B 142 3.90 -5.55 7.11
C GLU B 142 4.64 -5.04 8.34
N ALA B 143 3.92 -4.35 9.21
CA ALA B 143 4.46 -3.85 10.47
C ALA B 143 3.30 -3.70 11.45
N LYS B 144 3.62 -3.60 12.73
CA LYS B 144 2.62 -3.37 13.76
C LYS B 144 3.04 -2.19 14.63
N VAL B 145 2.14 -1.22 14.77
CA VAL B 145 2.31 -0.08 15.66
C VAL B 145 1.26 -0.18 16.75
N GLN B 146 1.71 -0.17 18.01
CA GLN B 146 0.82 -0.18 19.15
C GLN B 146 1.07 1.05 20.00
N TRP B 147 0.01 1.80 20.27
CA TRP B 147 0.10 2.96 21.13
C TRP B 147 -0.14 2.54 22.58
N LYS B 148 0.67 3.05 23.48
CA LYS B 148 0.51 2.81 24.91
C LYS B 148 0.53 4.15 25.63
N VAL B 149 -0.48 4.37 26.46
CA VAL B 149 -0.60 5.57 27.27
C VAL B 149 -0.59 5.12 28.72
N ASP B 150 0.46 5.50 29.46
CA ASP B 150 0.71 4.96 30.79
C ASP B 150 0.65 3.43 30.77
N ASN B 151 1.33 2.85 29.79
CA ASN B 151 1.48 1.40 29.64
C ASN B 151 0.15 0.68 29.44
N ALA B 152 -0.89 1.37 28.98
CA ALA B 152 -2.16 0.77 28.64
C ALA B 152 -2.33 0.79 27.13
N LEU B 153 -2.61 -0.36 26.53
CA LEU B 153 -2.76 -0.44 25.09
C LEU B 153 -3.99 0.34 24.64
N GLN B 154 -3.80 1.17 23.61
CA GLN B 154 -4.88 1.95 23.04
C GLN B 154 -5.51 1.21 21.86
N SER B 155 -6.78 1.51 21.61
CA SER B 155 -7.49 0.92 20.49
C SER B 155 -8.67 1.81 20.13
N GLY B 156 -8.88 2.00 18.82
CA GLY B 156 -10.00 2.78 18.34
C GLY B 156 -9.79 4.27 18.26
N ASN B 157 -8.58 4.77 18.57
CA ASN B 157 -8.32 6.21 18.55
C ASN B 157 -7.08 6.56 17.75
N SER B 158 -6.69 5.71 16.81
CA SER B 158 -5.51 5.98 15.98
C SER B 158 -5.84 5.65 14.54
N GLN B 159 -5.10 6.28 13.63
CA GLN B 159 -5.24 6.00 12.21
C GLN B 159 -3.86 5.94 11.56
N GLU B 160 -3.73 5.08 10.55
CA GLU B 160 -2.46 4.85 9.87
C GLU B 160 -2.53 5.27 8.40
N SER B 161 -1.39 5.64 7.87
CA SER B 161 -1.22 5.89 6.44
C SER B 161 0.10 5.31 6.00
N VAL B 162 0.12 4.69 4.81
CA VAL B 162 1.32 4.06 4.26
C VAL B 162 1.56 4.61 2.86
N THR B 163 2.81 4.97 2.58
CA THR B 163 3.20 5.46 1.27
C THR B 163 3.26 4.32 0.25
N GLU B 164 3.26 4.69 -1.03
CA GLU B 164 3.64 3.77 -2.08
C GLU B 164 5.13 3.45 -1.98
N GLN B 165 5.56 2.39 -2.65
CA GLN B 165 6.98 2.05 -2.64
C GLN B 165 7.80 3.20 -3.23
N ASP B 166 8.85 3.58 -2.51
CA ASP B 166 9.69 4.70 -2.92
C ASP B 166 10.31 4.45 -4.29
N SER B 167 10.32 5.48 -5.13
CA SER B 167 10.84 5.32 -6.48
C SER B 167 12.32 4.98 -6.48
N LYS B 168 13.05 5.43 -5.46
CA LYS B 168 14.50 5.24 -5.43
C LYS B 168 14.92 3.90 -4.85
N ASP B 169 14.34 3.48 -3.72
CA ASP B 169 14.77 2.25 -3.07
C ASP B 169 13.64 1.27 -2.76
N SER B 170 12.40 1.54 -3.19
CA SER B 170 11.26 0.64 -3.08
C SER B 170 10.87 0.34 -1.64
N THR B 171 11.26 1.19 -0.68
CA THR B 171 10.86 1.00 0.70
C THR B 171 9.52 1.67 0.97
N TYR B 172 8.94 1.34 2.12
CA TYR B 172 7.71 1.95 2.61
C TYR B 172 8.02 2.87 3.79
N SER B 173 7.12 3.83 4.01
CA SER B 173 7.09 4.58 5.25
C SER B 173 5.66 4.61 5.75
N LEU B 174 5.49 4.78 7.05
CA LEU B 174 4.20 4.63 7.69
C LEU B 174 4.05 5.66 8.79
N SER B 175 2.90 6.32 8.81
CA SER B 175 2.56 7.28 9.85
CA SER B 175 2.56 7.27 9.86
C SER B 175 1.38 6.74 10.64
N SER B 176 1.43 6.88 11.96
CA SER B 176 0.33 6.52 12.83
C SER B 176 0.03 7.70 13.73
N THR B 177 -1.24 8.11 13.76
CA THR B 177 -1.65 9.30 14.50
C THR B 177 -2.65 8.89 15.56
N LEU B 178 -2.30 9.12 16.82
CA LEU B 178 -3.17 8.94 17.97
C LEU B 178 -3.79 10.30 18.31
N THR B 179 -5.11 10.36 18.41
CA THR B 179 -5.80 11.62 18.64
C THR B 179 -6.65 11.50 19.89
N LEU B 180 -6.40 12.38 20.86
CA LEU B 180 -7.17 12.46 22.10
C LEU B 180 -7.65 13.88 22.30
N SER B 181 -8.62 14.04 23.20
CA SER B 181 -8.99 15.38 23.63
C SER B 181 -7.91 15.94 24.55
N LYS B 182 -7.89 17.27 24.68
CA LYS B 182 -6.94 17.91 25.58
C LYS B 182 -7.08 17.38 27.01
N ALA B 183 -8.32 17.14 27.46
CA ALA B 183 -8.53 16.63 28.81
C ALA B 183 -8.02 15.20 28.96
N ASP B 184 -8.39 14.33 28.03
CA ASP B 184 -7.87 12.96 28.06
C ASP B 184 -6.35 12.95 27.97
N TYR B 185 -5.78 13.86 27.16
CA TYR B 185 -4.32 13.91 27.03
C TYR B 185 -3.68 14.34 28.35
N GLU B 186 -4.27 15.34 29.01
CA GLU B 186 -3.73 15.81 30.29
C GLU B 186 -4.03 14.87 31.44
N LYS B 187 -4.84 13.84 31.22
CA LYS B 187 -5.12 12.86 32.26
C LYS B 187 -4.03 11.77 32.37
N HIS B 188 -2.97 11.83 31.57
CA HIS B 188 -1.94 10.79 31.57
C HIS B 188 -0.57 11.39 31.31
N LYS B 189 0.46 10.58 31.57
CA LYS B 189 1.84 11.06 31.56
C LYS B 189 2.66 10.52 30.40
N VAL B 190 2.78 9.19 30.26
CA VAL B 190 3.72 8.57 29.33
C VAL B 190 2.99 8.18 28.07
N TYR B 191 3.52 8.63 26.92
CA TYR B 191 2.96 8.28 25.61
C TYR B 191 4.05 7.58 24.81
N ALA B 192 3.76 6.37 24.34
CA ALA B 192 4.75 5.55 23.64
C ALA B 192 4.11 4.88 22.43
N CYS B 193 4.91 4.70 21.38
CA CYS B 193 4.55 3.79 20.30
C CYS B 193 5.57 2.67 20.25
N GLU B 194 5.07 1.43 20.21
CA GLU B 194 5.85 0.21 20.15
C GLU B 194 5.68 -0.44 18.78
N VAL B 195 6.79 -0.74 18.13
CA VAL B 195 6.82 -1.11 16.72
C VAL B 195 7.43 -2.50 16.59
N THR B 196 6.75 -3.38 15.85
CA THR B 196 7.33 -4.64 15.42
C THR B 196 7.33 -4.72 13.89
N HIS B 197 8.28 -5.49 13.39
CA HIS B 197 8.53 -5.69 11.95
C HIS B 197 9.42 -6.93 11.84
N GLN B 198 9.29 -7.67 10.74
CA GLN B 198 10.04 -8.91 10.65
C GLN B 198 11.55 -8.68 10.63
N GLY B 199 12.00 -7.47 10.29
CA GLY B 199 13.42 -7.14 10.33
C GLY B 199 13.98 -6.78 11.69
N LEU B 200 13.14 -6.70 12.71
CA LEU B 200 13.53 -6.30 14.06
C LEU B 200 13.52 -7.52 14.99
N SER B 201 14.63 -7.72 15.71
CA SER B 201 14.71 -8.87 16.61
C SER B 201 13.87 -8.67 17.86
N SER B 202 13.64 -7.41 18.25
CA SER B 202 12.83 -7.06 19.41
CA SER B 202 12.84 -7.05 19.41
C SER B 202 12.06 -5.80 19.09
N PRO B 203 10.91 -5.58 19.75
CA PRO B 203 10.12 -4.37 19.46
C PRO B 203 10.88 -3.10 19.79
N VAL B 204 10.62 -2.06 18.99
CA VAL B 204 11.25 -0.76 19.18
C VAL B 204 10.21 0.19 19.75
N THR B 205 10.49 0.78 20.91
CA THR B 205 9.59 1.72 21.56
C THR B 205 10.18 3.12 21.53
N LYS B 206 9.36 4.10 21.15
CA LYS B 206 9.70 5.51 21.30
C LYS B 206 8.64 6.16 22.18
N SER B 207 9.08 6.98 23.14
CA SER B 207 8.14 7.50 24.13
C SER B 207 8.59 8.86 24.63
N PHE B 208 7.62 9.60 25.16
CA PHE B 208 7.89 10.85 25.85
C PHE B 208 6.92 11.00 27.01
N ASN B 209 7.23 11.93 27.91
CA ASN B 209 6.37 12.29 29.03
C ASN B 209 5.69 13.62 28.73
N ARG B 210 4.38 13.67 28.93
CA ARG B 210 3.69 14.96 28.83
C ARG B 210 4.29 15.93 29.83
N GLY B 211 4.61 17.13 29.36
CA GLY B 211 5.31 18.11 30.17
C GLY B 211 6.81 18.00 30.16
N GLU B 212 7.36 16.90 29.61
CA GLU B 212 8.81 16.78 29.48
C GLU B 212 9.34 17.61 28.33
N CYS B 213 8.58 17.73 27.25
CA CYS B 213 9.03 18.47 26.06
C CYS B 213 8.59 19.93 26.11
N VAL C 2 5.81 -24.11 23.20
CA VAL C 2 6.56 -24.24 21.95
C VAL C 2 8.06 -24.15 22.19
N GLN C 3 8.81 -25.09 21.63
CA GLN C 3 10.26 -25.10 21.76
C GLN C 3 10.91 -25.16 20.39
N LEU C 4 11.99 -24.39 20.21
CA LEU C 4 12.77 -24.39 18.99
C LEU C 4 14.20 -24.83 19.31
N UNK C 5 14.80 -25.59 18.41
CA UNK C 5 16.19 -25.97 18.56
C UNK C 5 16.90 -25.90 17.21
N UNK C 6 18.01 -25.18 17.18
CA UNK C 6 18.84 -25.06 15.98
C UNK C 6 19.97 -26.07 16.01
N SER C 7 20.40 -26.47 14.82
CA SER C 7 21.54 -27.38 14.69
C SER C 7 22.22 -27.09 13.36
N GLY C 8 23.36 -27.75 13.16
CA GLY C 8 24.06 -27.67 11.90
C GLY C 8 25.22 -26.69 11.86
N GLY C 9 25.41 -25.88 12.89
CA GLY C 9 26.53 -24.97 12.91
C GLY C 9 27.86 -25.69 13.14
N GLY C 10 28.95 -24.95 12.92
CA GLY C 10 30.25 -25.49 13.18
C GLY C 10 31.34 -24.62 12.59
N UNK C 11 32.54 -25.21 12.51
CA UNK C 11 33.72 -24.56 11.97
C UNK C 11 33.83 -24.88 10.49
N VAL C 12 33.96 -23.84 9.67
CA VAL C 12 33.98 -23.99 8.21
C VAL C 12 35.00 -23.03 7.63
N GLN C 13 35.58 -23.42 6.50
CA GLN C 13 36.57 -22.60 5.83
C GLN C 13 35.89 -21.52 4.99
N UNK C 14 36.60 -20.43 4.69
CA UNK C 14 36.05 -19.42 3.78
C UNK C 14 35.76 -20.04 2.41
N GLY C 15 34.59 -19.71 1.87
CA GLY C 15 34.10 -20.35 0.67
C GLY C 15 33.34 -21.65 0.90
N UNK C 16 33.35 -22.17 2.13
CA UNK C 16 32.63 -23.38 2.45
C UNK C 16 31.14 -23.18 2.62
N SER C 17 30.45 -24.29 2.87
CA SER C 17 29.00 -24.31 2.99
C SER C 17 28.58 -25.01 4.27
N LEU C 18 27.49 -24.53 4.86
CA LEU C 18 26.83 -25.19 5.99
C LEU C 18 25.33 -25.15 5.76
N UNK C 19 24.62 -25.99 6.50
CA UNK C 19 23.15 -25.98 6.47
C UNK C 19 22.65 -26.01 7.91
N LEU C 20 21.97 -24.96 8.32
CA LEU C 20 21.39 -24.91 9.65
C LEU C 20 19.96 -25.42 9.59
N SER C 21 19.55 -26.10 10.66
CA SER C 21 18.19 -26.56 10.81
C SER C 21 17.59 -25.97 12.07
N CYS C 22 16.28 -25.79 12.05
CA CYS C 22 15.53 -25.29 13.19
C CYS C 22 14.28 -26.16 13.30
N UNK C 23 14.29 -27.06 14.28
CA UNK C 23 13.18 -27.97 14.52
C UNK C 23 12.31 -27.42 15.65
N ALA C 24 11.00 -27.51 15.46
CA ALA C 24 10.02 -27.00 16.40
C ALA C 24 9.22 -28.15 17.00
N UNK C 25 8.90 -28.03 18.29
CA UNK C 25 8.07 -28.99 18.98
C UNK C 25 7.02 -28.24 19.80
N UNK C 26 5.89 -28.91 20.03
CA UNK C 26 4.82 -28.35 20.82
C UNK C 26 3.78 -27.58 20.02
N UNK C 27 4.06 -27.28 18.75
CA UNK C 27 3.14 -26.53 17.92
C UNK C 27 3.50 -26.79 16.46
N UNK C 28 2.49 -26.96 15.63
CA UNK C 28 2.68 -27.03 14.19
C UNK C 28 2.98 -25.62 13.66
N UNK C 29 4.08 -25.49 12.92
CA UNK C 29 4.56 -24.17 12.50
C UNK C 29 4.27 -23.88 11.04
N UNK C 30 3.49 -24.74 10.36
CA UNK C 30 3.22 -24.53 8.95
C UNK C 30 2.57 -23.18 8.69
N UNK C 31 1.74 -22.69 9.61
CA UNK C 31 1.03 -21.44 9.40
C UNK C 31 1.85 -20.21 9.77
N UNK C 32 3.09 -20.38 10.25
CA UNK C 32 3.87 -19.26 10.75
C UNK C 32 5.11 -19.03 9.89
N UNK C 33 5.44 -17.76 9.71
CA UNK C 33 6.75 -17.41 9.17
C UNK C 33 7.82 -17.78 10.19
N UNK C 34 8.96 -18.26 9.70
CA UNK C 34 10.10 -18.61 10.53
C UNK C 34 11.29 -17.77 10.08
N UNK C 35 11.95 -17.10 11.02
CA UNK C 35 13.05 -16.20 10.69
C UNK C 35 14.36 -16.67 11.32
N TRP C 36 15.45 -16.35 10.62
CA TRP C 36 16.81 -16.53 11.10
C TRP C 36 17.43 -15.17 11.35
N UNK C 37 18.06 -15.03 12.53
CA UNK C 37 18.85 -13.91 12.99
C UNK C 37 20.24 -14.41 13.35
N ARG C 38 21.19 -13.48 13.50
CA ARG C 38 22.53 -13.86 13.94
C ARG C 38 23.11 -12.75 14.82
N GLN C 39 24.04 -13.13 15.69
CA GLN C 39 24.70 -12.18 16.57
C GLN C 39 26.18 -12.53 16.69
N UNK C 40 27.02 -11.54 16.46
CA UNK C 40 28.47 -11.58 16.64
C UNK C 40 28.86 -10.78 17.88
N PRO C 41 29.99 -11.10 18.51
CA PRO C 41 30.41 -10.37 19.71
C PRO C 41 30.47 -8.87 19.47
N GLY C 42 29.89 -8.10 20.38
CA GLY C 42 29.92 -6.66 20.31
C GLY C 42 28.90 -6.02 19.39
N UNK C 43 28.06 -6.81 18.74
CA UNK C 43 27.06 -6.29 17.83
C UNK C 43 25.68 -6.72 18.26
N UNK C 44 24.67 -6.06 17.72
CA UNK C 44 23.29 -6.40 18.03
C UNK C 44 22.84 -7.59 17.18
N ARG C 45 21.84 -8.31 17.70
CA ARG C 45 21.24 -9.39 16.92
C ARG C 45 20.63 -8.80 15.64
N GLU C 46 20.98 -9.38 14.49
CA GLU C 46 20.61 -8.79 13.22
C GLU C 46 19.87 -9.80 12.34
N UNK C 47 18.91 -9.28 11.58
CA UNK C 47 18.08 -10.12 10.72
C UNK C 47 18.91 -10.75 9.61
N VAL C 48 18.64 -12.03 9.33
CA VAL C 48 19.27 -12.75 8.23
C VAL C 48 18.27 -13.09 7.14
N UNK C 49 17.18 -13.77 7.49
CA UNK C 49 16.26 -14.20 6.44
C UNK C 49 14.95 -14.68 7.06
N UNK C 50 13.90 -14.68 6.25
CA UNK C 50 12.59 -15.16 6.71
C UNK C 50 11.98 -16.05 5.64
N UNK C 51 11.47 -17.21 6.06
CA UNK C 51 10.63 -18.08 5.26
C UNK C 51 9.19 -17.87 5.73
N UNK C 52 8.39 -17.20 4.91
CA UNK C 52 6.97 -17.12 5.21
C UNK C 52 6.30 -18.44 4.84
N UNK C 53 4.97 -18.49 4.99
CA UNK C 53 4.24 -19.71 4.62
C UNK C 53 4.53 -20.08 3.17
N UNK C 54 4.46 -21.38 2.89
CA UNK C 54 4.69 -21.86 1.53
C UNK C 54 3.81 -21.11 0.55
N UNK C 55 4.43 -20.50 -0.46
CA UNK C 55 3.74 -19.67 -1.42
C UNK C 55 3.84 -18.18 -1.14
N UNK C 56 4.17 -17.78 0.09
CA UNK C 56 4.24 -16.38 0.44
C UNK C 56 5.66 -15.81 0.35
N UNK C 57 6.63 -16.61 -0.04
CA UNK C 57 7.94 -16.11 -0.38
C UNK C 57 8.93 -16.13 0.77
N UNK C 58 10.18 -15.85 0.43
CA UNK C 58 11.27 -15.74 1.38
C UNK C 58 11.99 -14.43 1.16
N UNK C 59 12.43 -13.80 2.24
CA UNK C 59 13.05 -12.48 2.16
C UNK C 59 14.39 -12.50 2.90
N UNK C 60 15.32 -11.64 2.46
CA UNK C 60 16.71 -11.78 2.86
C UNK C 60 17.31 -10.43 3.21
N UNK C 61 18.34 -10.48 4.07
CA UNK C 61 19.15 -9.31 4.37
C UNK C 61 20.15 -9.04 3.24
N ASP C 62 20.52 -7.76 3.09
CA ASP C 62 21.51 -7.37 2.09
CA ASP C 62 21.48 -7.41 2.05
C ASP C 62 22.79 -8.18 2.20
N SER C 63 23.22 -8.45 3.44
CA SER C 63 24.52 -9.07 3.66
C SER C 63 24.60 -10.52 3.19
N UNK C 64 23.47 -11.16 2.92
CA UNK C 64 23.45 -12.59 2.59
C UNK C 64 22.73 -12.88 1.28
N UNK C 65 22.23 -11.86 0.59
CA UNK C 65 21.49 -12.08 -0.65
C UNK C 65 22.39 -12.74 -1.70
N GLY C 66 21.87 -13.78 -2.33
CA GLY C 66 22.62 -14.54 -3.32
C GLY C 66 23.41 -15.71 -2.77
N ARG C 67 23.71 -15.71 -1.46
CA ARG C 67 24.51 -16.77 -0.85
C ARG C 67 23.73 -17.68 0.08
N PHE C 68 22.72 -17.16 0.78
CA PHE C 68 21.92 -17.95 1.72
C PHE C 68 20.52 -18.19 1.16
N THR C 69 19.96 -19.35 1.49
CA THR C 69 18.64 -19.72 1.02
C THR C 69 17.88 -20.40 2.15
N UNK C 70 16.69 -19.89 2.47
CA UNK C 70 15.85 -20.48 3.51
C UNK C 70 14.82 -21.38 2.84
N SER C 71 14.48 -22.49 3.51
CA SER C 71 13.48 -23.40 3.00
C SER C 71 12.74 -24.05 4.16
N UNK C 72 11.67 -24.77 3.83
CA UNK C 72 10.79 -25.37 4.83
C UNK C 72 10.57 -26.85 4.55
N ASP C 73 10.45 -27.62 5.62
CA ASP C 73 9.95 -28.99 5.62
C ASP C 73 8.79 -28.99 6.63
N UNK C 74 7.63 -28.54 6.15
CA UNK C 74 6.45 -28.44 6.99
C UNK C 74 5.99 -29.79 7.50
N UNK C 75 6.17 -30.84 6.70
CA UNK C 75 5.83 -32.19 7.14
C UNK C 75 6.58 -32.55 8.42
N UNK C 76 7.82 -32.10 8.56
CA UNK C 76 8.62 -32.42 9.73
C UNK C 76 8.77 -31.23 10.67
N UNK C 77 8.01 -30.16 10.46
CA UNK C 77 7.98 -29.03 11.38
C UNK C 77 9.36 -28.39 11.51
N UNK C 78 10.08 -28.29 10.39
CA UNK C 78 11.47 -27.85 10.46
C UNK C 78 11.74 -26.83 9.36
N UNK C 79 12.62 -25.88 9.63
CA UNK C 79 13.05 -24.94 8.60
C UNK C 79 14.57 -24.96 8.50
N UNK C 80 15.08 -24.46 7.39
CA UNK C 80 16.48 -24.64 7.06
C UNK C 80 17.06 -23.34 6.50
N LEU C 81 18.34 -23.14 6.77
CA LEU C 81 19.13 -22.04 6.21
C LEU C 81 20.35 -22.66 5.55
N GLN C 82 20.34 -22.74 4.22
CA GLN C 82 21.51 -23.15 3.46
C GLN C 82 22.43 -21.94 3.29
N UNK C 83 23.69 -22.08 3.69
CA UNK C 83 24.66 -21.00 3.69
C UNK C 83 25.85 -21.40 2.81
N UNK C 84 25.97 -20.73 1.65
CA UNK C 84 27.05 -20.96 0.71
C UNK C 84 27.99 -19.76 0.66
N UNK C 85 29.19 -19.99 0.12
CA UNK C 85 30.20 -18.95 -0.09
C UNK C 85 30.45 -18.19 1.21
N LEU C 86 30.68 -18.93 2.29
CA LEU C 86 30.76 -18.34 3.61
C LEU C 86 32.01 -17.48 3.76
N UNK C 87 31.88 -16.40 4.52
CA UNK C 87 32.94 -15.42 4.75
C UNK C 87 33.23 -15.29 6.24
N UNK C 88 34.44 -14.85 6.61
CA UNK C 88 34.72 -14.58 8.03
C UNK C 88 33.69 -13.68 8.67
N UNK C 89 33.18 -12.69 7.93
CA UNK C 89 32.16 -11.79 8.42
C UNK C 89 30.87 -12.50 8.80
N ASP C 90 30.67 -13.75 8.36
CA ASP C 90 29.47 -14.51 8.69
C ASP C 90 29.56 -15.21 10.03
N UNK C 91 30.72 -15.18 10.68
CA UNK C 91 30.90 -15.81 11.98
C UNK C 91 29.95 -15.19 13.01
N ALA C 92 29.15 -16.04 13.65
CA ALA C 92 28.14 -15.57 14.61
C ALA C 92 27.43 -16.78 15.19
N UNK C 93 26.64 -16.53 16.23
CA UNK C 93 25.63 -17.50 16.66
C UNK C 93 24.34 -17.20 15.93
N TYR C 94 23.73 -18.22 15.34
CA TYR C 94 22.52 -18.09 14.53
C TYR C 94 21.32 -18.63 15.30
N TYR C 95 20.21 -17.87 15.25
CA TYR C 95 18.99 -18.15 15.99
C TYR C 95 17.81 -18.21 15.04
N CYS C 96 16.86 -19.09 15.33
CA CYS C 96 15.57 -19.06 14.66
C CYS C 96 14.49 -18.59 15.63
N UNK C 97 13.47 -17.95 15.05
CA UNK C 97 12.35 -17.39 15.81
C UNK C 97 11.07 -17.57 15.02
N UNK C 98 9.99 -17.89 15.73
CA UNK C 98 8.66 -17.94 15.13
C UNK C 98 8.07 -16.53 15.14
N UNK C 99 7.53 -16.10 14.00
CA UNK C 99 6.65 -14.93 13.97
C UNK C 99 5.25 -15.40 14.37
N UNK C 100 4.83 -15.04 15.59
CA UNK C 100 3.52 -15.44 16.09
C UNK C 100 2.38 -14.79 15.30
N UNK C 101 2.63 -13.75 14.52
CA UNK C 101 1.58 -13.05 13.80
C UNK C 101 1.44 -13.68 12.43
N UNK C 102 0.30 -14.33 12.17
CA UNK C 102 0.11 -14.97 10.87
C UNK C 102 0.06 -13.95 9.74
N UNK C 103 -0.13 -12.66 10.05
CA UNK C 103 -0.08 -11.62 9.05
C UNK C 103 1.26 -10.91 9.01
N UNK C 104 2.29 -11.51 9.62
CA UNK C 104 3.70 -11.24 9.33
C UNK C 104 4.24 -9.91 9.87
N UNK C 105 3.70 -9.42 10.98
CA UNK C 105 4.23 -8.18 11.55
C UNK C 105 5.48 -8.39 12.39
N UNK C 106 5.98 -9.62 12.53
CA UNK C 106 7.21 -9.84 13.25
C UNK C 106 7.10 -9.88 14.75
N UNK C 107 6.09 -10.60 15.27
CA UNK C 107 5.93 -10.78 16.71
C UNK C 107 6.68 -12.05 17.10
N UNK C 108 7.97 -11.88 17.39
CA UNK C 108 8.89 -12.99 17.68
C UNK C 108 8.83 -13.33 19.16
N UNK C 109 7.89 -14.19 19.53
CA UNK C 109 7.71 -14.59 20.91
C UNK C 109 8.62 -15.74 21.30
N UNK C 110 8.86 -16.68 20.38
CA UNK C 110 9.58 -17.92 20.68
C UNK C 110 10.87 -17.97 19.87
N TRP C 111 11.97 -18.19 20.58
CA TRP C 111 13.32 -18.21 20.01
C TRP C 111 14.02 -19.51 20.37
N GLY C 112 14.87 -19.97 19.45
CA GLY C 112 15.78 -21.06 19.75
C GLY C 112 16.98 -20.59 20.56
N UNK C 113 17.76 -21.56 21.02
CA UNK C 113 18.91 -21.26 21.87
C UNK C 113 20.16 -20.90 21.09
N GLY C 114 20.19 -21.18 19.80
CA GLY C 114 21.26 -20.78 18.91
C GLY C 114 22.18 -21.92 18.53
N THR C 115 22.81 -21.78 17.35
CA THR C 115 23.85 -22.69 16.90
C THR C 115 25.03 -21.86 16.39
N UNK C 116 26.24 -22.26 16.75
CA UNK C 116 27.43 -21.46 16.54
C UNK C 116 28.03 -21.72 15.16
N VAL C 117 28.40 -20.65 14.46
CA VAL C 117 29.03 -20.73 13.13
C VAL C 117 30.32 -19.93 13.18
N THR C 118 31.43 -20.59 12.85
CA THR C 118 32.75 -19.95 12.83
C THR C 118 33.40 -20.19 11.47
N VAL C 119 33.68 -19.11 10.74
CA VAL C 119 34.32 -19.16 9.43
C VAL C 119 35.75 -18.67 9.58
N SER C 120 36.73 -19.56 9.45
CA SER C 120 38.13 -19.17 9.67
C SER C 120 39.06 -20.11 8.91
N SER C 121 40.35 -19.80 8.99
CA SER C 121 41.43 -20.53 8.32
C SER C 121 41.31 -20.40 6.81
C1 GOL D . -32.99 2.82 -14.78
O1 GOL D . -33.12 2.08 -13.61
C2 GOL D . -33.14 4.30 -14.40
O2 GOL D . -32.17 4.69 -13.49
C3 GOL D . -33.03 5.07 -15.75
O3 GOL D . -33.38 6.40 -15.49
C1 GOL E . -6.40 8.49 -24.04
O1 GOL E . -6.30 7.23 -24.64
C2 GOL E . -7.19 8.29 -22.74
O2 GOL E . -8.51 7.92 -23.01
C3 GOL E . -6.40 7.18 -21.99
O3 GOL E . -6.95 7.06 -20.71
C1 GOL F . 5.62 -7.38 1.10
O1 GOL F . 5.95 -6.03 1.20
C2 GOL F . 4.10 -7.53 0.77
O2 GOL F . 3.42 -8.33 1.70
C3 GOL F . 3.50 -6.12 0.63
O3 GOL F . 2.11 -6.26 0.76
C1 GOL G . -8.80 -23.86 13.04
O1 GOL G . -8.96 -23.02 14.14
C2 GOL G . -7.54 -23.37 12.28
O2 GOL G . -6.41 -23.38 13.07
C3 GOL G . -7.41 -24.32 11.06
O3 GOL G . -6.32 -23.89 10.29
#